data_1N2E
#
_entry.id   1N2E
#
_cell.length_a   48.274
_cell.length_b   70.824
_cell.length_c   81.798
_cell.angle_alpha   90.00
_cell.angle_beta   99.28
_cell.angle_gamma   90.00
#
_symmetry.space_group_name_H-M   'P 1 21 1'
#
loop_
_entity.id
_entity.type
_entity.pdbx_description
1 polymer 'pantothenate synthetase'
2 non-polymer 'SULFATE ION'
3 non-polymer 'DIPHOSPHOMETHYLPHOSPHONIC ACID ADENOSYL ESTER'
4 non-polymer PANTOATE
5 non-polymer GLYCEROL
6 non-polymer ETHANOL
7 non-polymer 'MAGNESIUM ION'
8 water water
#
_entity_poly.entity_id   1
_entity_poly.type   'polypeptide(L)'
_entity_poly.pdbx_seq_one_letter_code
;MAIPAFHPGELNVYSAPGDVADVSRALRLTGRRVMLVPTMGALHEGHLALVRAAKRVPGSVVVVSIFVNPMQFGAGGDLD
AYPRTPDDDLAQLRAEGVEIAFTPTTAAMYPDGLRTTVQPGPLAAELEGGPRPTHFAGVLTVVLKLLQIVRPDRVFFGEK
DYQQLVLIRQLVADFNLDVAVVGVPTVREADGLAMSSRNRYLDPAQRAAAVALSAALTAAAHAATAGAQAALDAARAVLD
AAPGVAVDYLELRDIGLGPMPLNGSGRLLVAARLGTTRLLDNIAIEIGTFAGTDRPDGYR
;
_entity_poly.pdbx_strand_id   A,B
#
loop_
_chem_comp.id
_chem_comp.type
_chem_comp.name
_chem_comp.formula
APC non-polymer 'DIPHOSPHOMETHYLPHOSPHONIC ACID ADENOSYL ESTER' 'C11 H18 N5 O12 P3'
EOH non-polymer ETHANOL 'C2 H6 O'
GOL non-polymer GLYCEROL 'C3 H8 O3'
MG non-polymer 'MAGNESIUM ION' 'Mg 2'
PAF non-polymer PANTOATE 'C6 H11 O4 -1'
SO4 non-polymer 'SULFATE ION' 'O4 S -2'
#
# COMPACT_ATOMS: atom_id res chain seq x y z
N ILE A 3 22.85 -0.52 13.55
CA ILE A 3 22.70 -1.78 12.77
C ILE A 3 22.97 -2.99 13.69
N PRO A 4 22.03 -3.94 13.76
CA PRO A 4 22.29 -5.09 14.63
C PRO A 4 23.43 -5.90 14.02
N ALA A 5 23.90 -6.92 14.72
CA ALA A 5 24.99 -7.73 14.19
C ALA A 5 24.52 -8.61 13.04
N PHE A 6 25.36 -8.69 12.01
CA PHE A 6 25.08 -9.55 10.86
C PHE A 6 26.29 -10.44 10.60
N HIS A 7 26.17 -11.71 10.96
CA HIS A 7 27.25 -12.68 10.77
C HIS A 7 27.10 -13.35 9.41
N PRO A 8 27.91 -12.93 8.43
CA PRO A 8 27.84 -13.52 7.08
C PRO A 8 28.09 -15.04 7.06
N GLY A 9 27.41 -15.73 6.16
CA GLY A 9 27.57 -17.17 6.04
C GLY A 9 26.88 -17.98 7.13
N GLU A 10 26.14 -17.30 8.01
CA GLU A 10 25.40 -17.94 9.09
C GLU A 10 23.95 -17.47 9.08
N LEU A 11 23.07 -18.19 9.76
CA LEU A 11 21.67 -17.75 9.80
C LEU A 11 21.53 -16.72 10.90
N ASN A 12 21.11 -15.50 10.51
CA ASN A 12 20.90 -14.40 11.44
C ASN A 12 19.38 -14.26 11.57
N VAL A 13 18.90 -14.33 12.80
CA VAL A 13 17.46 -14.23 13.06
C VAL A 13 17.12 -12.88 13.69
N TYR A 14 16.20 -12.14 13.07
CA TYR A 14 15.78 -10.83 13.60
C TYR A 14 14.29 -10.83 13.74
N SER A 15 13.79 -10.35 14.88
CA SER A 15 12.34 -10.28 15.07
C SER A 15 11.87 -8.84 14.91
N ALA A 16 12.70 -7.87 15.30
CA ALA A 16 12.28 -6.48 15.21
C ALA A 16 12.30 -5.95 13.78
N PRO A 17 11.17 -5.38 13.28
CA PRO A 17 11.19 -4.86 11.91
C PRO A 17 12.35 -3.91 11.64
N GLY A 18 12.64 -3.03 12.59
CA GLY A 18 13.72 -2.08 12.45
C GLY A 18 15.08 -2.74 12.27
N ASP A 19 15.30 -3.86 12.96
CA ASP A 19 16.56 -4.58 12.81
C ASP A 19 16.75 -5.12 11.39
N VAL A 20 15.75 -5.82 10.85
CA VAL A 20 15.93 -6.37 9.52
C VAL A 20 15.96 -5.24 8.47
N ALA A 21 15.21 -4.17 8.73
CA ALA A 21 15.19 -3.04 7.79
C ALA A 21 16.58 -2.42 7.73
N ASP A 22 17.20 -2.22 8.90
CA ASP A 22 18.54 -1.62 8.94
C ASP A 22 19.59 -2.51 8.28
N VAL A 23 19.53 -3.81 8.55
CA VAL A 23 20.50 -4.73 7.97
C VAL A 23 20.32 -4.85 6.47
N SER A 24 19.07 -4.94 6.01
CA SER A 24 18.81 -5.04 4.57
C SER A 24 19.36 -3.77 3.88
N ARG A 25 19.09 -2.62 4.46
CA ARG A 25 19.54 -1.34 3.91
C ARG A 25 21.06 -1.34 3.82
N ALA A 26 21.70 -1.76 4.90
CA ALA A 26 23.16 -1.77 4.91
C ALA A 26 23.70 -2.70 3.82
N LEU A 27 23.09 -3.87 3.67
CA LEU A 27 23.55 -4.82 2.65
C LEU A 27 23.34 -4.28 1.23
N ARG A 28 22.18 -3.67 1.01
CA ARG A 28 21.87 -3.14 -0.29
C ARG A 28 22.90 -2.06 -0.64
N LEU A 29 23.27 -1.27 0.35
CA LEU A 29 24.24 -0.19 0.15
C LEU A 29 25.64 -0.69 -0.22
N THR A 30 25.96 -1.95 0.09
CA THR A 30 27.27 -2.48 -0.25
C THR A 30 27.26 -3.20 -1.58
N GLY A 31 26.10 -3.21 -2.24
CA GLY A 31 26.01 -3.86 -3.54
C GLY A 31 25.28 -5.19 -3.59
N ARG A 32 25.07 -5.83 -2.44
CA ARG A 32 24.38 -7.11 -2.41
C ARG A 32 22.91 -6.92 -2.78
N ARG A 33 22.34 -7.86 -3.51
CA ARG A 33 20.93 -7.73 -3.89
C ARG A 33 20.08 -8.53 -2.90
N VAL A 34 19.09 -7.89 -2.32
CA VAL A 34 18.26 -8.53 -1.30
C VAL A 34 17.08 -9.26 -1.91
N MET A 35 16.93 -10.53 -1.56
CA MET A 35 15.86 -11.37 -2.06
C MET A 35 14.94 -11.69 -0.89
N LEU A 36 13.63 -11.54 -1.09
CA LEU A 36 12.69 -11.86 -0.01
C LEU A 36 11.80 -13.04 -0.36
N VAL A 37 11.68 -13.99 0.57
CA VAL A 37 10.81 -15.16 0.40
C VAL A 37 9.80 -15.11 1.58
N PRO A 38 8.60 -14.59 1.34
CA PRO A 38 7.61 -14.52 2.43
C PRO A 38 6.96 -15.87 2.68
N THR A 39 6.95 -16.28 3.94
CA THR A 39 6.32 -17.56 4.29
C THR A 39 5.58 -17.43 5.62
N MET A 40 4.72 -18.43 5.87
CA MET A 40 4.02 -18.50 7.16
C MET A 40 4.59 -19.69 7.94
N GLY A 41 5.85 -20.01 7.66
CA GLY A 41 6.49 -21.12 8.36
C GLY A 41 5.98 -22.50 7.95
N ALA A 42 6.29 -23.50 8.77
CA ALA A 42 5.92 -24.89 8.50
C ALA A 42 6.50 -25.20 7.12
N LEU A 43 7.81 -24.97 7.01
CA LEU A 43 8.52 -25.11 5.74
C LEU A 43 8.66 -26.53 5.22
N HIS A 44 8.46 -26.67 3.92
CA HIS A 44 8.62 -27.96 3.26
C HIS A 44 9.35 -27.73 1.93
N GLU A 45 9.57 -28.80 1.16
CA GLU A 45 10.30 -28.67 -0.12
C GLU A 45 9.80 -27.59 -1.06
N GLY A 46 8.52 -27.30 -1.03
CA GLY A 46 8.01 -26.25 -1.89
C GLY A 46 8.67 -24.92 -1.49
N HIS A 47 8.74 -24.65 -0.19
CA HIS A 47 9.37 -23.41 0.24
C HIS A 47 10.85 -23.40 -0.11
N LEU A 48 11.50 -24.56 0.01
CA LEU A 48 12.93 -24.62 -0.27
C LEU A 48 13.23 -24.31 -1.72
N ALA A 49 12.28 -24.60 -2.61
CA ALA A 49 12.47 -24.27 -4.02
C ALA A 49 12.48 -22.75 -4.15
N LEU A 50 11.63 -22.06 -3.38
CA LEU A 50 11.62 -20.59 -3.46
C LEU A 50 12.96 -20.07 -2.95
N VAL A 51 13.43 -20.65 -1.86
CA VAL A 51 14.70 -20.24 -1.29
C VAL A 51 15.84 -20.47 -2.29
N ARG A 52 15.85 -21.63 -2.92
CA ARG A 52 16.93 -21.92 -3.86
C ARG A 52 16.88 -20.99 -5.07
N ALA A 53 15.66 -20.63 -5.50
CA ALA A 53 15.51 -19.70 -6.62
C ALA A 53 16.12 -18.35 -6.22
N ALA A 54 15.88 -17.94 -4.98
CA ALA A 54 16.41 -16.69 -4.45
C ALA A 54 17.93 -16.76 -4.33
N LYS A 55 18.42 -17.87 -3.79
CA LYS A 55 19.84 -18.07 -3.56
C LYS A 55 20.69 -17.97 -4.82
N ARG A 56 20.16 -18.44 -5.94
CA ARG A 56 20.89 -18.43 -7.20
C ARG A 56 21.05 -17.08 -7.88
N VAL A 57 20.34 -16.05 -7.43
CA VAL A 57 20.50 -14.72 -8.03
C VAL A 57 21.91 -14.26 -7.64
N PRO A 58 22.77 -13.93 -8.63
CA PRO A 58 24.13 -13.49 -8.32
C PRO A 58 24.26 -12.37 -7.28
N GLY A 59 25.14 -12.62 -6.30
CA GLY A 59 25.42 -11.67 -5.24
C GLY A 59 24.24 -11.39 -4.32
N SER A 60 23.29 -12.30 -4.28
CA SER A 60 22.12 -12.08 -3.44
C SER A 60 22.31 -12.45 -1.98
N VAL A 61 21.49 -11.85 -1.13
CA VAL A 61 21.47 -12.20 0.28
C VAL A 61 19.97 -12.55 0.39
N VAL A 62 19.66 -13.69 0.98
CA VAL A 62 18.26 -14.13 1.08
C VAL A 62 17.65 -13.87 2.45
N VAL A 63 16.48 -13.23 2.44
CA VAL A 63 15.72 -12.98 3.66
C VAL A 63 14.46 -13.82 3.55
N VAL A 64 14.23 -14.71 4.52
CA VAL A 64 13.01 -15.49 4.50
C VAL A 64 12.21 -14.97 5.68
N SER A 65 11.00 -14.48 5.44
CA SER A 65 10.20 -14.03 6.58
C SER A 65 9.30 -15.19 6.96
N ILE A 66 9.08 -15.35 8.27
CA ILE A 66 8.21 -16.38 8.81
C ILE A 66 7.26 -15.62 9.75
N PHE A 67 6.00 -15.57 9.36
CA PHE A 67 4.99 -14.86 10.14
C PHE A 67 3.61 -15.40 9.80
N VAL A 68 2.94 -15.98 10.81
CA VAL A 68 1.59 -16.49 10.57
C VAL A 68 0.70 -15.27 10.73
N ASN A 69 0.39 -14.65 9.60
CA ASN A 69 -0.36 -13.39 9.54
C ASN A 69 -1.80 -13.50 9.96
N PRO A 70 -2.15 -12.99 11.16
CA PRO A 70 -3.56 -13.10 11.56
C PRO A 70 -4.58 -12.49 10.63
N MET A 71 -4.18 -11.44 9.91
CA MET A 71 -5.14 -10.74 9.07
C MET A 71 -5.72 -11.54 7.91
N GLN A 72 -5.00 -12.56 7.46
CA GLN A 72 -5.50 -13.32 6.33
C GLN A 72 -6.31 -14.55 6.72
N PHE A 73 -6.58 -14.68 8.02
CA PHE A 73 -7.40 -15.78 8.51
C PHE A 73 -8.76 -15.23 8.87
N GLY A 74 -9.82 -15.97 8.56
CA GLY A 74 -11.15 -15.50 8.91
C GLY A 74 -11.49 -16.12 10.25
N ALA A 75 -12.33 -15.45 11.04
CA ALA A 75 -12.71 -15.97 12.35
C ALA A 75 -12.85 -17.49 12.33
N GLY A 76 -12.61 -18.10 13.49
CA GLY A 76 -12.68 -19.53 13.61
C GLY A 76 -11.38 -19.98 14.25
N GLY A 77 -11.11 -21.27 14.21
CA GLY A 77 -9.88 -21.75 14.80
C GLY A 77 -8.87 -21.97 13.70
N ASP A 78 -9.07 -21.28 12.58
CA ASP A 78 -8.17 -21.43 11.45
C ASP A 78 -6.80 -20.92 11.83
N LEU A 79 -6.76 -19.76 12.46
CA LEU A 79 -5.47 -19.19 12.87
C LEU A 79 -4.81 -20.09 13.90
N ASP A 80 -5.59 -20.57 14.87
CA ASP A 80 -4.98 -21.44 15.89
C ASP A 80 -4.55 -22.80 15.35
N ALA A 81 -5.28 -23.27 14.35
CA ALA A 81 -5.01 -24.57 13.72
C ALA A 81 -3.84 -24.54 12.74
N TYR A 82 -3.38 -23.35 12.36
CA TYR A 82 -2.29 -23.31 11.40
C TYR A 82 -1.06 -24.00 11.98
N PRO A 83 -0.44 -24.89 11.18
CA PRO A 83 0.74 -25.57 11.72
C PRO A 83 1.93 -24.70 12.00
N ARG A 84 2.55 -24.96 13.15
CA ARG A 84 3.71 -24.19 13.57
C ARG A 84 4.82 -25.15 13.96
N THR A 85 5.96 -25.07 13.23
CA THR A 85 7.13 -25.93 13.48
C THR A 85 8.36 -25.06 13.34
N PRO A 86 8.49 -24.05 14.20
CA PRO A 86 9.62 -23.12 14.19
C PRO A 86 11.02 -23.74 14.20
N ASP A 87 11.24 -24.73 15.05
CA ASP A 87 12.55 -25.35 15.14
C ASP A 87 13.01 -26.02 13.85
N ASP A 88 12.12 -26.78 13.22
CA ASP A 88 12.46 -27.43 11.98
C ASP A 88 12.64 -26.36 10.91
N ASP A 89 11.83 -25.29 10.95
CA ASP A 89 11.95 -24.24 9.94
C ASP A 89 13.35 -23.64 9.92
N LEU A 90 13.84 -23.22 11.08
CA LEU A 90 15.15 -22.59 11.12
C LEU A 90 16.24 -23.58 10.75
N ALA A 91 16.06 -24.85 11.09
CA ALA A 91 17.05 -25.87 10.76
C ALA A 91 17.16 -25.99 9.26
N GLN A 92 16.00 -25.96 8.60
CA GLN A 92 15.98 -26.04 7.14
C GLN A 92 16.64 -24.83 6.52
N LEU A 93 16.44 -23.65 7.12
CA LEU A 93 17.06 -22.45 6.54
C LEU A 93 18.58 -22.50 6.70
N ARG A 94 19.04 -23.01 7.83
CA ARG A 94 20.47 -23.12 8.03
C ARG A 94 21.06 -24.09 7.00
N ALA A 95 20.39 -25.22 6.79
CA ALA A 95 20.86 -26.21 5.83
C ALA A 95 20.87 -25.64 4.41
N GLU A 96 20.04 -24.63 4.15
CA GLU A 96 19.98 -24.03 2.83
C GLU A 96 20.94 -22.85 2.64
N GLY A 97 21.69 -22.51 3.67
CA GLY A 97 22.63 -21.41 3.55
C GLY A 97 21.97 -20.03 3.55
N VAL A 98 20.76 -19.94 4.09
CA VAL A 98 20.06 -18.65 4.17
C VAL A 98 20.72 -17.80 5.27
N GLU A 99 20.96 -16.53 4.99
CA GLU A 99 21.61 -15.66 5.96
C GLU A 99 20.70 -14.85 6.87
N ILE A 100 19.44 -14.66 6.45
CA ILE A 100 18.51 -13.90 7.26
C ILE A 100 17.10 -14.50 7.37
N ALA A 101 16.64 -14.64 8.61
CA ALA A 101 15.27 -15.09 8.86
C ALA A 101 14.63 -13.91 9.60
N PHE A 102 13.46 -13.46 9.15
CA PHE A 102 12.77 -12.34 9.80
C PHE A 102 11.51 -12.95 10.43
N THR A 103 11.45 -12.90 11.76
CA THR A 103 10.38 -13.55 12.52
C THR A 103 9.73 -12.53 13.43
N PRO A 104 8.93 -11.63 12.84
CA PRO A 104 8.25 -10.60 13.64
C PRO A 104 7.10 -11.10 14.50
N THR A 105 6.81 -10.32 15.54
CA THR A 105 5.70 -10.64 16.43
C THR A 105 4.43 -9.99 15.87
N THR A 106 3.26 -10.46 16.29
CA THR A 106 2.03 -9.84 15.84
C THR A 106 1.95 -8.39 16.28
N ALA A 107 2.44 -8.11 17.49
CA ALA A 107 2.40 -6.73 17.98
C ALA A 107 3.30 -5.79 17.16
N ALA A 108 4.43 -6.30 16.68
CA ALA A 108 5.34 -5.45 15.92
C ALA A 108 4.73 -5.14 14.55
N MET A 109 3.97 -6.09 14.01
CA MET A 109 3.36 -5.87 12.68
C MET A 109 2.04 -5.15 12.72
N TYR A 110 1.28 -5.32 13.80
CA TYR A 110 -0.04 -4.70 13.92
C TYR A 110 -0.18 -3.95 15.25
N PRO A 111 0.71 -2.99 15.52
CA PRO A 111 0.65 -2.23 16.76
C PRO A 111 -0.62 -1.42 16.89
N ASP A 112 -1.24 -1.07 15.76
CA ASP A 112 -2.47 -0.31 15.80
C ASP A 112 -3.66 -1.09 15.30
N GLY A 113 -3.57 -2.42 15.39
CA GLY A 113 -4.65 -3.25 14.92
C GLY A 113 -4.83 -3.07 13.42
N LEU A 114 -6.05 -3.22 12.94
CA LEU A 114 -6.30 -3.03 11.52
C LEU A 114 -6.76 -1.58 11.35
N ARG A 115 -5.87 -0.77 10.78
CA ARG A 115 -6.18 0.65 10.56
C ARG A 115 -6.06 0.87 9.05
N THR A 116 -4.92 1.37 8.55
CA THR A 116 -4.81 1.51 7.09
C THR A 116 -4.56 0.09 6.55
N THR A 117 -5.27 -0.30 5.50
CA THR A 117 -5.07 -1.64 4.93
C THR A 117 -5.14 -1.55 3.41
N VAL A 118 -4.81 -2.66 2.75
CA VAL A 118 -4.86 -2.69 1.29
C VAL A 118 -6.18 -3.30 0.86
N GLN A 119 -6.83 -2.62 -0.07
CA GLN A 119 -8.10 -3.11 -0.64
C GLN A 119 -7.76 -3.69 -2.03
N PRO A 120 -7.78 -5.03 -2.18
CA PRO A 120 -7.46 -5.63 -3.49
C PRO A 120 -8.54 -5.31 -4.52
N GLY A 121 -8.21 -5.56 -5.78
CA GLY A 121 -9.16 -5.36 -6.86
C GLY A 121 -10.21 -6.47 -6.83
N PRO A 122 -11.14 -6.48 -7.79
CA PRO A 122 -12.19 -7.50 -7.82
C PRO A 122 -11.80 -8.97 -7.84
N LEU A 123 -10.59 -9.30 -8.32
CA LEU A 123 -10.18 -10.71 -8.34
C LEU A 123 -10.20 -11.33 -6.92
N ALA A 124 -9.99 -10.49 -5.90
CA ALA A 124 -9.99 -10.97 -4.53
C ALA A 124 -11.33 -11.55 -4.03
N ALA A 125 -12.42 -11.23 -4.72
CA ALA A 125 -13.73 -11.75 -4.30
C ALA A 125 -14.08 -13.03 -5.02
N GLU A 126 -13.16 -13.52 -5.86
CA GLU A 126 -13.45 -14.73 -6.62
C GLU A 126 -12.60 -15.89 -6.24
N LEU A 127 -12.96 -17.07 -6.73
CA LEU A 127 -12.24 -18.31 -6.45
C LEU A 127 -12.01 -18.43 -4.95
N GLU A 128 -10.76 -18.39 -4.48
CA GLU A 128 -10.50 -18.53 -3.05
C GLU A 128 -11.17 -17.44 -2.20
N GLY A 129 -11.37 -16.27 -2.81
CA GLY A 129 -11.97 -15.17 -2.08
C GLY A 129 -13.48 -15.20 -1.98
N GLY A 130 -14.14 -16.02 -2.79
CA GLY A 130 -15.59 -16.07 -2.75
C GLY A 130 -16.15 -16.22 -1.36
N PRO A 131 -15.80 -17.31 -0.67
CA PRO A 131 -16.24 -17.61 0.70
C PRO A 131 -15.39 -16.96 1.79
N ARG A 132 -14.30 -16.32 1.38
CA ARG A 132 -13.38 -15.66 2.33
C ARG A 132 -13.08 -14.28 1.75
N PRO A 133 -14.09 -13.39 1.76
CA PRO A 133 -13.98 -12.03 1.23
C PRO A 133 -12.87 -11.13 1.75
N THR A 134 -12.33 -11.43 2.93
CA THR A 134 -11.24 -10.59 3.48
C THR A 134 -9.87 -11.24 3.43
N HIS A 135 -9.82 -12.49 2.97
CA HIS A 135 -8.54 -13.19 2.94
C HIS A 135 -7.40 -12.48 2.19
N PHE A 136 -7.67 -12.07 0.94
CA PHE A 136 -6.61 -11.43 0.16
C PHE A 136 -6.23 -10.04 0.60
N ALA A 137 -7.15 -9.32 1.23
CA ALA A 137 -6.79 -8.00 1.76
C ALA A 137 -5.74 -8.27 2.85
N GLY A 138 -5.93 -9.35 3.62
CA GLY A 138 -4.95 -9.71 4.64
C GLY A 138 -3.58 -10.03 4.05
N VAL A 139 -3.59 -10.78 2.95
CA VAL A 139 -2.37 -11.18 2.27
C VAL A 139 -1.67 -9.95 1.71
N LEU A 140 -2.40 -9.16 0.93
CA LEU A 140 -1.75 -7.99 0.32
C LEU A 140 -1.26 -6.96 1.32
N THR A 141 -2.00 -6.78 2.41
CA THR A 141 -1.57 -5.83 3.44
C THR A 141 -0.27 -6.30 4.05
N VAL A 142 -0.17 -7.58 4.43
CA VAL A 142 1.10 -8.01 5.03
C VAL A 142 2.25 -8.03 4.03
N VAL A 143 1.99 -8.42 2.78
CA VAL A 143 3.07 -8.46 1.81
C VAL A 143 3.54 -7.03 1.54
N LEU A 144 2.62 -6.07 1.48
CA LEU A 144 3.04 -4.69 1.24
C LEU A 144 3.98 -4.27 2.38
N LYS A 145 3.60 -4.60 3.61
CA LYS A 145 4.42 -4.22 4.76
C LYS A 145 5.80 -4.89 4.72
N LEU A 146 5.83 -6.17 4.41
CA LEU A 146 7.10 -6.90 4.35
C LEU A 146 8.00 -6.28 3.27
N LEU A 147 7.40 -5.89 2.15
CA LEU A 147 8.19 -5.29 1.08
C LEU A 147 8.76 -3.94 1.51
N GLN A 148 8.00 -3.19 2.33
CA GLN A 148 8.48 -1.89 2.78
C GLN A 148 9.55 -2.04 3.84
N ILE A 149 9.42 -3.07 4.65
CA ILE A 149 10.39 -3.30 5.71
C ILE A 149 11.73 -3.78 5.14
N VAL A 150 11.66 -4.78 4.30
CA VAL A 150 12.85 -5.41 3.72
C VAL A 150 13.40 -4.75 2.46
N ARG A 151 12.51 -4.12 1.69
CA ARG A 151 12.90 -3.46 0.44
C ARG A 151 13.78 -4.35 -0.45
N PRO A 152 13.30 -5.57 -0.75
CA PRO A 152 14.05 -6.50 -1.59
C PRO A 152 14.04 -6.07 -3.05
N ASP A 153 15.01 -6.56 -3.82
CA ASP A 153 15.07 -6.31 -5.25
C ASP A 153 14.07 -7.24 -5.95
N ARG A 154 13.89 -8.45 -5.40
CA ARG A 154 12.95 -9.41 -5.95
C ARG A 154 12.25 -10.14 -4.82
N VAL A 155 11.02 -10.55 -5.06
CA VAL A 155 10.25 -11.26 -4.05
C VAL A 155 9.71 -12.52 -4.73
N PHE A 156 9.82 -13.66 -4.03
CA PHE A 156 9.47 -14.95 -4.59
C PHE A 156 8.19 -15.57 -4.04
N PHE A 157 7.32 -16.04 -4.93
CA PHE A 157 6.06 -16.67 -4.56
C PHE A 157 5.87 -17.94 -5.37
N GLY A 158 5.18 -18.92 -4.79
CA GLY A 158 4.97 -20.15 -5.52
C GLY A 158 3.74 -20.09 -6.42
N GLU A 159 3.86 -20.76 -7.56
CA GLU A 159 2.75 -20.84 -8.51
C GLU A 159 1.60 -21.65 -7.92
N LYS A 160 1.86 -22.47 -6.90
CA LYS A 160 0.78 -23.27 -6.30
C LYS A 160 -0.40 -22.38 -5.89
N ASP A 161 -0.11 -21.25 -5.25
CA ASP A 161 -1.19 -20.33 -4.87
C ASP A 161 -1.19 -19.29 -5.99
N TYR A 162 -1.67 -19.73 -7.15
CA TYR A 162 -1.66 -18.89 -8.34
C TYR A 162 -2.46 -17.60 -8.22
N GLN A 163 -3.66 -17.67 -7.66
CA GLN A 163 -4.44 -16.44 -7.52
C GLN A 163 -3.71 -15.45 -6.60
N GLN A 164 -3.09 -15.96 -5.55
CA GLN A 164 -2.31 -15.07 -4.69
C GLN A 164 -1.17 -14.41 -5.47
N LEU A 165 -0.47 -15.19 -6.30
CA LEU A 165 0.65 -14.67 -7.10
C LEU A 165 0.15 -13.55 -8.03
N VAL A 166 -0.97 -13.78 -8.68
CA VAL A 166 -1.53 -12.77 -9.58
C VAL A 166 -1.88 -11.50 -8.83
N LEU A 167 -2.49 -11.66 -7.65
CA LEU A 167 -2.86 -10.50 -6.84
C LEU A 167 -1.63 -9.75 -6.37
N ILE A 168 -0.55 -10.46 -6.07
CA ILE A 168 0.67 -9.74 -5.67
C ILE A 168 1.24 -8.99 -6.88
N ARG A 169 1.13 -9.52 -8.10
CA ARG A 169 1.62 -8.78 -9.25
C ARG A 169 0.75 -7.52 -9.40
N GLN A 170 -0.56 -7.65 -9.13
CA GLN A 170 -1.43 -6.46 -9.21
C GLN A 170 -1.00 -5.42 -8.16
N LEU A 171 -0.73 -5.88 -6.96
CA LEU A 171 -0.29 -4.98 -5.88
C LEU A 171 0.95 -4.20 -6.33
N VAL A 172 1.95 -4.93 -6.83
CA VAL A 172 3.20 -4.32 -7.26
C VAL A 172 3.00 -3.33 -8.40
N ALA A 173 2.21 -3.72 -9.40
CA ALA A 173 1.97 -2.79 -10.50
C ALA A 173 1.13 -1.56 -10.07
N ASP A 174 0.05 -1.82 -9.33
CA ASP A 174 -0.89 -0.77 -8.93
C ASP A 174 -0.34 0.29 -7.97
N PHE A 175 0.60 -0.12 -7.12
CA PHE A 175 1.21 0.83 -6.19
C PHE A 175 2.63 1.25 -6.62
N ASN A 176 3.02 0.92 -7.86
CA ASN A 176 4.34 1.32 -8.38
C ASN A 176 5.50 0.85 -7.53
N LEU A 177 5.37 -0.35 -6.98
CA LEU A 177 6.43 -0.89 -6.14
C LEU A 177 7.66 -1.27 -6.97
N ASP A 178 8.83 -0.88 -6.47
CA ASP A 178 10.08 -1.14 -7.19
C ASP A 178 10.66 -2.48 -6.76
N VAL A 179 10.01 -3.55 -7.16
CA VAL A 179 10.45 -4.91 -6.84
C VAL A 179 9.98 -5.79 -7.97
N ALA A 180 10.73 -6.85 -8.26
CA ALA A 180 10.37 -7.80 -9.30
C ALA A 180 9.71 -8.99 -8.59
N VAL A 181 8.55 -9.40 -9.09
CA VAL A 181 7.84 -10.55 -8.53
C VAL A 181 8.24 -11.78 -9.35
N VAL A 182 8.76 -12.79 -8.65
CA VAL A 182 9.21 -14.01 -9.29
C VAL A 182 8.34 -15.18 -8.88
N GLY A 183 7.67 -15.77 -9.87
CA GLY A 183 6.84 -16.93 -9.61
C GLY A 183 7.72 -18.16 -9.77
N VAL A 184 7.58 -19.11 -8.86
CA VAL A 184 8.36 -20.34 -8.88
C VAL A 184 7.44 -21.54 -9.11
N PRO A 185 7.78 -22.43 -10.06
CA PRO A 185 6.93 -23.59 -10.31
C PRO A 185 6.61 -24.44 -9.09
N THR A 186 5.40 -24.98 -9.07
CA THR A 186 4.95 -25.82 -7.99
C THR A 186 5.78 -27.10 -7.81
N VAL A 187 6.20 -27.37 -6.57
CA VAL A 187 6.96 -28.56 -6.23
C VAL A 187 5.95 -29.65 -5.89
N ARG A 188 6.14 -30.84 -6.45
CA ARG A 188 5.18 -31.93 -6.24
C ARG A 188 5.83 -33.21 -5.72
N GLU A 189 5.02 -34.02 -5.05
CA GLU A 189 5.47 -35.30 -4.53
C GLU A 189 5.63 -36.20 -5.76
N ALA A 190 6.25 -37.37 -5.59
CA ALA A 190 6.49 -38.29 -6.71
C ALA A 190 5.25 -38.62 -7.56
N ASP A 191 4.08 -38.73 -6.94
CA ASP A 191 2.86 -39.03 -7.68
C ASP A 191 2.14 -37.83 -8.28
N GLY A 192 2.68 -36.62 -8.06
CA GLY A 192 2.06 -35.41 -8.59
C GLY A 192 1.42 -34.48 -7.57
N LEU A 193 1.13 -34.96 -6.36
CA LEU A 193 0.49 -34.12 -5.33
C LEU A 193 1.27 -32.83 -5.05
N ALA A 194 0.61 -31.68 -5.19
CA ALA A 194 1.29 -30.40 -4.91
C ALA A 194 1.66 -30.38 -3.42
N MET A 195 2.91 -30.07 -3.11
CA MET A 195 3.28 -30.00 -1.70
C MET A 195 2.57 -28.82 -1.03
N SER A 196 2.17 -29.05 0.21
CA SER A 196 1.42 -28.07 0.96
C SER A 196 1.51 -28.43 2.42
N SER A 197 1.54 -27.45 3.30
CA SER A 197 1.61 -27.82 4.71
C SER A 197 0.30 -28.49 5.12
N ARG A 198 -0.78 -28.25 4.37
CA ARG A 198 -2.04 -28.89 4.75
C ARG A 198 -2.11 -30.39 4.39
N ASN A 199 -1.14 -30.88 3.62
CA ASN A 199 -1.11 -32.29 3.25
C ASN A 199 -0.98 -33.18 4.48
N ARG A 200 -0.42 -32.62 5.56
CA ARG A 200 -0.25 -33.39 6.78
C ARG A 200 -1.61 -33.79 7.39
N TYR A 201 -2.70 -33.16 6.94
CA TYR A 201 -4.03 -33.50 7.48
C TYR A 201 -4.78 -34.59 6.69
N LEU A 202 -4.11 -35.14 5.69
CA LEU A 202 -4.68 -36.21 4.88
C LEU A 202 -4.27 -37.52 5.49
N ASP A 203 -5.25 -38.36 5.82
CA ASP A 203 -4.90 -39.66 6.37
C ASP A 203 -4.44 -40.50 5.15
N PRO A 204 -3.91 -41.71 5.38
CA PRO A 204 -3.44 -42.53 4.25
C PRO A 204 -4.39 -42.70 3.07
N ALA A 205 -5.68 -42.86 3.35
CA ALA A 205 -6.67 -43.03 2.27
C ALA A 205 -6.88 -41.73 1.49
N GLN A 206 -7.01 -40.63 2.21
CA GLN A 206 -7.22 -39.30 1.60
C GLN A 206 -5.96 -38.96 0.81
N ARG A 207 -4.80 -39.32 1.34
CA ARG A 207 -3.56 -39.03 0.63
C ARG A 207 -3.57 -39.76 -0.71
N ALA A 208 -4.06 -41.00 -0.70
CA ALA A 208 -4.11 -41.79 -1.92
C ALA A 208 -5.07 -41.13 -2.91
N ALA A 209 -6.23 -40.71 -2.41
CA ALA A 209 -7.25 -40.09 -3.28
C ALA A 209 -6.85 -38.72 -3.80
N ALA A 210 -6.05 -37.99 -3.02
CA ALA A 210 -5.61 -36.64 -3.40
C ALA A 210 -4.81 -36.55 -4.70
N VAL A 211 -4.28 -37.66 -5.17
CA VAL A 211 -3.51 -37.63 -6.42
C VAL A 211 -4.44 -37.19 -7.56
N ALA A 212 -5.74 -37.34 -7.35
CA ALA A 212 -6.69 -36.98 -8.41
C ALA A 212 -6.62 -35.51 -8.87
N LEU A 213 -6.26 -34.58 -7.99
CA LEU A 213 -6.21 -33.19 -8.41
C LEU A 213 -5.17 -32.97 -9.48
N SER A 214 -3.95 -33.43 -9.21
CA SER A 214 -2.87 -33.24 -10.18
C SER A 214 -3.11 -34.12 -11.40
N ALA A 215 -3.62 -35.34 -11.19
CA ALA A 215 -3.91 -36.22 -12.34
C ALA A 215 -4.95 -35.54 -13.25
N ALA A 216 -5.97 -34.95 -12.64
CA ALA A 216 -7.02 -34.27 -13.40
C ALA A 216 -6.43 -33.09 -14.19
N LEU A 217 -5.61 -32.27 -13.54
CA LEU A 217 -5.01 -31.13 -14.21
C LEU A 217 -4.10 -31.51 -15.36
N THR A 218 -3.26 -32.51 -15.17
CA THR A 218 -2.35 -32.90 -16.24
C THR A 218 -3.11 -33.59 -17.37
N ALA A 219 -4.16 -34.34 -17.04
CA ALA A 219 -4.97 -34.97 -18.08
C ALA A 219 -5.57 -33.82 -18.91
N ALA A 220 -6.10 -32.81 -18.23
CA ALA A 220 -6.69 -31.66 -18.93
C ALA A 220 -5.67 -30.95 -19.80
N ALA A 221 -4.44 -30.76 -19.31
CA ALA A 221 -3.47 -30.04 -20.12
C ALA A 221 -3.16 -30.75 -21.44
N HIS A 222 -3.19 -32.09 -21.42
CA HIS A 222 -2.92 -32.85 -22.64
C HIS A 222 -4.17 -32.99 -23.52
N ALA A 223 -5.34 -33.02 -22.89
CA ALA A 223 -6.58 -33.12 -23.64
C ALA A 223 -6.87 -31.81 -24.37
N ALA A 224 -6.27 -30.72 -23.89
CA ALA A 224 -6.55 -29.39 -24.42
C ALA A 224 -6.30 -29.20 -25.90
N THR A 225 -5.59 -30.12 -26.55
CA THR A 225 -5.37 -29.99 -27.99
C THR A 225 -6.74 -30.06 -28.67
N ALA A 226 -7.68 -30.73 -28.00
CA ALA A 226 -9.03 -30.90 -28.52
C ALA A 226 -10.00 -29.78 -28.09
N GLY A 227 -9.51 -28.77 -27.38
CA GLY A 227 -10.35 -27.66 -26.96
C GLY A 227 -10.64 -27.57 -25.48
N ALA A 228 -11.27 -26.47 -25.08
CA ALA A 228 -11.56 -26.23 -23.66
C ALA A 228 -12.53 -27.23 -23.05
N GLN A 229 -13.59 -27.55 -23.79
CA GLN A 229 -14.58 -28.49 -23.26
C GLN A 229 -13.91 -29.86 -23.03
N ALA A 230 -13.08 -30.30 -23.96
CA ALA A 230 -12.42 -31.59 -23.81
C ALA A 230 -11.53 -31.58 -22.56
N ALA A 231 -10.82 -30.48 -22.37
CA ALA A 231 -9.91 -30.34 -21.24
C ALA A 231 -10.67 -30.38 -19.91
N LEU A 232 -11.71 -29.56 -19.80
CA LEU A 232 -12.50 -29.54 -18.56
C LEU A 232 -13.18 -30.89 -18.29
N ASP A 233 -13.72 -31.51 -19.33
CA ASP A 233 -14.41 -32.80 -19.16
C ASP A 233 -13.42 -33.90 -18.72
N ALA A 234 -12.20 -33.87 -19.27
CA ALA A 234 -11.18 -34.86 -18.85
C ALA A 234 -10.87 -34.66 -17.38
N ALA A 235 -10.70 -33.42 -16.94
CA ALA A 235 -10.40 -33.17 -15.51
C ALA A 235 -11.57 -33.62 -14.64
N ARG A 236 -12.78 -33.28 -15.06
CA ARG A 236 -13.97 -33.67 -14.29
C ARG A 236 -14.07 -35.18 -14.15
N ALA A 237 -13.77 -35.91 -15.22
CA ALA A 237 -13.87 -37.36 -15.16
C ALA A 237 -12.92 -37.96 -14.13
N VAL A 238 -11.71 -37.42 -14.07
CA VAL A 238 -10.71 -37.91 -13.11
C VAL A 238 -11.19 -37.57 -11.71
N LEU A 239 -11.64 -36.34 -11.50
CA LEU A 239 -12.11 -35.95 -10.17
C LEU A 239 -13.34 -36.78 -9.77
N ASP A 240 -14.25 -37.01 -10.72
CA ASP A 240 -15.46 -37.82 -10.44
C ASP A 240 -15.13 -39.28 -10.10
N ALA A 241 -14.00 -39.79 -10.58
CA ALA A 241 -13.62 -41.18 -10.31
C ALA A 241 -12.88 -41.31 -8.99
N ALA A 242 -12.62 -40.18 -8.34
CA ALA A 242 -11.87 -40.17 -7.08
C ALA A 242 -12.78 -40.29 -5.88
N PRO A 243 -12.50 -41.27 -5.02
CA PRO A 243 -13.31 -41.47 -3.83
C PRO A 243 -13.07 -40.42 -2.75
N GLY A 244 -14.15 -39.82 -2.27
CA GLY A 244 -14.02 -38.85 -1.20
C GLY A 244 -13.43 -37.51 -1.59
N VAL A 245 -13.50 -37.16 -2.87
CA VAL A 245 -13.02 -35.84 -3.27
C VAL A 245 -14.24 -35.01 -3.64
N ALA A 246 -14.45 -33.93 -2.90
CA ALA A 246 -15.59 -33.05 -3.17
C ALA A 246 -15.07 -31.77 -3.81
N VAL A 247 -15.40 -31.59 -5.08
CA VAL A 247 -14.93 -30.40 -5.77
C VAL A 247 -15.65 -29.14 -5.37
N ASP A 248 -14.87 -28.10 -5.05
CA ASP A 248 -15.39 -26.79 -4.69
C ASP A 248 -15.48 -26.04 -6.02
N TYR A 249 -14.39 -25.98 -6.78
CA TYR A 249 -14.46 -25.35 -8.10
C TYR A 249 -13.40 -25.91 -9.04
N LEU A 250 -13.69 -25.82 -10.33
CA LEU A 250 -12.75 -26.26 -11.37
C LEU A 250 -13.01 -25.24 -12.47
N GLU A 251 -12.04 -24.35 -12.68
CA GLU A 251 -12.22 -23.28 -13.66
C GLU A 251 -11.02 -23.02 -14.52
N LEU A 252 -11.30 -22.74 -15.79
CA LEU A 252 -10.28 -22.46 -16.77
C LEU A 252 -10.39 -20.96 -17.02
N ARG A 253 -9.31 -20.24 -16.77
CA ARG A 253 -9.31 -18.79 -16.95
C ARG A 253 -8.11 -18.28 -17.73
N ASP A 254 -8.20 -17.04 -18.20
CA ASP A 254 -7.08 -16.41 -18.86
C ASP A 254 -5.97 -16.40 -17.79
N ILE A 255 -4.70 -16.33 -18.20
CA ILE A 255 -3.61 -16.33 -17.23
C ILE A 255 -3.63 -15.23 -16.17
N GLY A 256 -4.23 -14.09 -16.49
CA GLY A 256 -4.28 -13.02 -15.52
C GLY A 256 -5.48 -13.15 -14.59
N LEU A 257 -6.31 -14.17 -14.83
CA LEU A 257 -7.52 -14.45 -14.05
C LEU A 257 -8.47 -13.27 -14.02
N GLY A 258 -8.23 -12.29 -14.90
CA GLY A 258 -9.05 -11.09 -14.91
C GLY A 258 -10.21 -10.98 -15.87
N PRO A 259 -10.69 -9.74 -16.10
CA PRO A 259 -11.81 -9.44 -16.99
C PRO A 259 -11.50 -9.66 -18.46
N MET A 260 -10.92 -10.81 -18.77
CA MET A 260 -10.55 -11.15 -20.15
C MET A 260 -10.94 -12.59 -20.43
N PRO A 261 -11.49 -12.87 -21.63
CA PRO A 261 -11.88 -14.24 -21.94
C PRO A 261 -10.64 -15.09 -22.23
N LEU A 262 -10.80 -16.40 -22.08
CA LEU A 262 -9.71 -17.33 -22.35
C LEU A 262 -9.39 -17.27 -23.84
N ASN A 263 -8.13 -17.04 -24.17
CA ASN A 263 -7.75 -16.99 -25.58
C ASN A 263 -6.40 -17.66 -25.82
N GLY A 264 -6.38 -18.99 -25.95
CA GLY A 264 -5.11 -19.66 -26.22
C GLY A 264 -4.26 -20.09 -25.03
N SER A 265 -3.92 -19.16 -24.14
CA SER A 265 -3.12 -19.47 -22.95
C SER A 265 -3.97 -19.27 -21.72
N GLY A 266 -4.04 -20.27 -20.87
CA GLY A 266 -4.86 -20.11 -19.69
C GLY A 266 -4.28 -20.83 -18.50
N ARG A 267 -5.06 -20.82 -17.43
CA ARG A 267 -4.66 -21.51 -16.21
C ARG A 267 -5.90 -22.26 -15.78
N LEU A 268 -5.71 -23.55 -15.42
CA LEU A 268 -6.83 -24.36 -14.96
C LEU A 268 -6.62 -24.45 -13.45
N LEU A 269 -7.63 -24.06 -12.69
CA LEU A 269 -7.54 -24.09 -11.23
C LEU A 269 -8.57 -24.98 -10.61
N VAL A 270 -8.16 -25.70 -9.58
CA VAL A 270 -9.09 -26.58 -8.88
C VAL A 270 -8.93 -26.42 -7.37
N ALA A 271 -10.03 -26.57 -6.65
CA ALA A 271 -10.02 -26.54 -5.19
C ALA A 271 -10.96 -27.68 -4.83
N ALA A 272 -10.55 -28.53 -3.90
CA ALA A 272 -11.39 -29.67 -3.54
C ALA A 272 -11.19 -30.02 -2.08
N ARG A 273 -12.20 -30.65 -1.49
CA ARG A 273 -12.11 -31.05 -0.10
C ARG A 273 -12.02 -32.55 0.03
N LEU A 274 -11.11 -33.01 0.89
CA LEU A 274 -10.96 -34.42 1.20
C LEU A 274 -11.17 -34.38 2.72
N GLY A 275 -12.37 -34.77 3.16
CA GLY A 275 -12.66 -34.67 4.58
C GLY A 275 -12.72 -33.17 4.89
N THR A 276 -12.00 -32.73 5.92
CA THR A 276 -12.02 -31.32 6.24
C THR A 276 -10.87 -30.57 5.58
N THR A 277 -10.00 -31.29 4.87
CA THR A 277 -8.85 -30.64 4.25
C THR A 277 -9.15 -30.11 2.85
N ARG A 278 -8.96 -28.82 2.65
CA ARG A 278 -9.22 -28.20 1.35
C ARG A 278 -7.87 -28.07 0.63
N LEU A 279 -7.76 -28.75 -0.51
CA LEU A 279 -6.54 -28.74 -1.32
C LEU A 279 -6.76 -27.89 -2.58
N LEU A 280 -5.68 -27.25 -3.02
CA LEU A 280 -5.69 -26.44 -4.23
C LEU A 280 -4.59 -26.90 -5.15
N ASP A 281 -4.79 -26.69 -6.45
CA ASP A 281 -3.75 -26.98 -7.43
C ASP A 281 -4.14 -26.23 -8.70
N ASN A 282 -3.16 -26.01 -9.58
CA ASN A 282 -3.46 -25.33 -10.83
C ASN A 282 -2.38 -25.69 -11.83
N ILE A 283 -2.68 -25.49 -13.11
CA ILE A 283 -1.70 -25.84 -14.13
C ILE A 283 -1.86 -24.91 -15.34
N ALA A 284 -0.75 -24.71 -16.07
CA ALA A 284 -0.76 -23.91 -17.30
C ALA A 284 -1.49 -24.76 -18.33
N ILE A 285 -2.31 -24.12 -19.15
CA ILE A 285 -3.09 -24.79 -20.19
C ILE A 285 -2.90 -24.02 -21.49
N GLU A 286 -2.66 -24.74 -22.58
CA GLU A 286 -2.55 -24.13 -23.91
C GLU A 286 -3.67 -24.76 -24.70
N ILE A 287 -4.58 -23.94 -25.23
CA ILE A 287 -5.71 -24.47 -25.97
C ILE A 287 -5.37 -24.70 -27.44
N GLY A 288 -5.63 -25.91 -27.93
CA GLY A 288 -5.36 -26.26 -29.32
C GLY A 288 -3.88 -26.35 -29.70
N THR A 289 -3.05 -26.65 -28.71
CA THR A 289 -1.60 -26.76 -28.90
C THR A 289 -1.10 -28.14 -28.49
N PHE A 290 -0.26 -28.73 -29.33
CA PHE A 290 0.29 -30.07 -29.09
C PHE A 290 1.79 -30.00 -28.76
N ALA B 2 19.26 3.41 -20.00
CA ALA B 2 19.95 4.70 -19.69
C ALA B 2 19.06 5.69 -18.92
N ILE B 3 19.66 6.38 -17.94
CA ILE B 3 18.93 7.34 -17.11
C ILE B 3 18.55 8.58 -17.93
N PRO B 4 17.31 9.09 -17.78
CA PRO B 4 16.90 10.28 -18.53
C PRO B 4 17.78 11.47 -18.20
N ALA B 5 17.81 12.45 -19.09
CA ALA B 5 18.63 13.65 -18.86
C ALA B 5 18.14 14.47 -17.67
N PHE B 6 19.08 14.95 -16.87
CA PHE B 6 18.79 15.82 -15.72
C PHE B 6 19.77 16.98 -15.73
N HIS B 7 19.24 18.19 -15.89
CA HIS B 7 20.06 19.39 -15.93
C HIS B 7 19.98 20.13 -14.60
N PRO B 8 21.07 20.10 -13.81
CA PRO B 8 21.09 20.77 -12.51
C PRO B 8 20.77 22.26 -12.61
N GLY B 9 20.11 22.78 -11.59
CA GLY B 9 19.77 24.20 -11.55
C GLY B 9 18.66 24.62 -12.50
N GLU B 10 18.17 23.69 -13.29
CA GLU B 10 17.08 24.00 -14.21
C GLU B 10 15.85 23.22 -13.78
N LEU B 11 14.69 23.62 -14.29
CA LEU B 11 13.46 22.89 -13.99
C LEU B 11 13.34 21.78 -15.03
N ASN B 12 13.47 20.55 -14.57
CA ASN B 12 13.38 19.37 -15.42
C ASN B 12 11.98 18.78 -15.28
N VAL B 13 11.24 18.75 -16.38
CA VAL B 13 9.88 18.22 -16.34
C VAL B 13 9.80 16.80 -16.90
N TYR B 14 9.20 15.89 -16.13
CA TYR B 14 9.03 14.51 -16.53
C TYR B 14 7.57 14.13 -16.35
N SER B 15 7.02 13.49 -17.38
CA SER B 15 5.65 13.04 -17.32
C SER B 15 5.53 11.53 -17.09
N ALA B 16 6.55 10.77 -17.49
CA ALA B 16 6.49 9.32 -17.29
C ALA B 16 6.96 8.92 -15.90
N PRO B 17 6.17 8.11 -15.20
CA PRO B 17 6.59 7.69 -13.85
C PRO B 17 7.97 7.03 -13.80
N GLY B 18 8.26 6.17 -14.77
CA GLY B 18 9.55 5.49 -14.80
C GLY B 18 10.70 6.48 -14.94
N ASP B 19 10.48 7.57 -15.68
CA ASP B 19 11.52 8.57 -15.86
C ASP B 19 11.85 9.30 -14.55
N VAL B 20 10.83 9.77 -13.84
CA VAL B 20 11.15 10.47 -12.61
C VAL B 20 11.68 9.47 -11.58
N ALA B 21 11.21 8.22 -11.64
CA ALA B 21 11.70 7.21 -10.72
C ALA B 21 13.19 7.00 -10.95
N ASP B 22 13.59 6.86 -12.22
CA ASP B 22 15.01 6.64 -12.54
C ASP B 22 15.88 7.84 -12.16
N VAL B 23 15.42 9.05 -12.49
CA VAL B 23 16.19 10.24 -12.16
C VAL B 23 16.32 10.40 -10.63
N SER B 24 15.21 10.20 -9.92
CA SER B 24 15.24 10.33 -8.48
C SER B 24 16.25 9.37 -7.88
N ARG B 25 16.26 8.13 -8.36
CA ARG B 25 17.17 7.10 -7.87
C ARG B 25 18.61 7.50 -8.14
N ALA B 26 18.87 7.93 -9.37
CA ALA B 26 20.20 8.37 -9.76
C ALA B 26 20.67 9.54 -8.90
N LEU B 27 19.80 10.52 -8.70
CA LEU B 27 20.17 11.68 -7.90
C LEU B 27 20.46 11.31 -6.45
N ARG B 28 19.66 10.41 -5.86
CA ARG B 28 19.92 10.02 -4.48
C ARG B 28 21.29 9.37 -4.35
N LEU B 29 21.70 8.66 -5.39
CA LEU B 29 23.00 8.01 -5.37
C LEU B 29 24.13 9.02 -5.47
N THR B 30 23.85 10.21 -6.00
CA THR B 30 24.87 11.24 -6.16
C THR B 30 25.08 12.15 -4.95
N GLY B 31 24.30 11.94 -3.89
CA GLY B 31 24.48 12.80 -2.73
C GLY B 31 23.39 13.82 -2.54
N ARG B 32 22.20 13.53 -3.07
CA ARG B 32 21.10 14.46 -2.89
C ARG B 32 20.03 13.80 -2.03
N ARG B 33 19.23 14.62 -1.37
CA ARG B 33 18.14 14.13 -0.53
C ARG B 33 16.90 14.58 -1.28
N VAL B 34 16.12 13.60 -1.70
CA VAL B 34 14.92 13.86 -2.50
C VAL B 34 13.75 14.30 -1.65
N MET B 35 13.19 15.46 -2.00
CA MET B 35 12.06 16.03 -1.27
C MET B 35 10.87 16.02 -2.19
N LEU B 36 9.74 15.50 -1.74
CA LEU B 36 8.55 15.46 -2.58
C LEU B 36 7.46 16.40 -2.05
N VAL B 37 6.91 17.21 -2.95
CA VAL B 37 5.84 18.14 -2.59
C VAL B 37 4.67 17.83 -3.52
N PRO B 38 3.70 17.03 -3.05
CA PRO B 38 2.56 16.68 -3.90
C PRO B 38 1.54 17.80 -4.09
N THR B 39 1.20 18.11 -5.35
CA THR B 39 0.20 19.15 -5.62
C THR B 39 -0.74 18.77 -6.76
N MET B 40 -1.77 19.58 -6.95
CA MET B 40 -2.69 19.37 -8.06
C MET B 40 -2.67 20.61 -8.95
N GLY B 41 -1.55 21.33 -8.90
CA GLY B 41 -1.37 22.53 -9.71
C GLY B 41 -2.10 23.76 -9.22
N ALA B 42 -2.17 24.82 -10.06
CA ALA B 42 -2.81 26.07 -9.65
C ALA B 42 -2.12 26.53 -8.37
N LEU B 43 -0.80 26.67 -8.45
CA LEU B 43 0.01 27.01 -7.29
C LEU B 43 -0.14 28.42 -6.74
N HIS B 44 -0.16 28.54 -5.42
CA HIS B 44 -0.21 29.84 -4.75
C HIS B 44 0.81 29.85 -3.60
N GLU B 45 0.87 30.95 -2.85
CA GLU B 45 1.84 31.09 -1.77
C GLU B 45 1.81 29.94 -0.77
N GLY B 46 0.64 29.32 -0.60
CA GLY B 46 0.57 28.20 0.33
C GLY B 46 1.47 27.08 -0.22
N HIS B 47 1.34 26.78 -1.51
CA HIS B 47 2.18 25.73 -2.09
C HIS B 47 3.65 26.14 -2.04
N LEU B 48 3.94 27.42 -2.22
CA LEU B 48 5.33 27.86 -2.23
C LEU B 48 5.98 27.67 -0.86
N ALA B 49 5.18 27.74 0.20
CA ALA B 49 5.71 27.53 1.54
C ALA B 49 6.17 26.06 1.64
N LEU B 50 5.43 25.14 1.02
CA LEU B 50 5.81 23.73 1.03
C LEU B 50 7.14 23.59 0.28
N VAL B 51 7.20 24.23 -0.88
CA VAL B 51 8.41 24.20 -1.69
C VAL B 51 9.61 24.77 -0.95
N ARG B 52 9.42 25.91 -0.28
CA ARG B 52 10.54 26.51 0.43
C ARG B 52 10.99 25.65 1.58
N ALA B 53 10.04 24.95 2.23
CA ALA B 53 10.41 24.05 3.34
C ALA B 53 11.29 22.92 2.80
N ALA B 54 10.93 22.36 1.65
CA ALA B 54 11.70 21.29 1.05
C ALA B 54 13.09 21.76 0.58
N LYS B 55 13.14 22.96 -0.02
CA LYS B 55 14.40 23.45 -0.54
C LYS B 55 15.45 23.75 0.53
N ARG B 56 15.03 24.15 1.72
CA ARG B 56 16.00 24.48 2.76
C ARG B 56 16.74 23.27 3.37
N VAL B 57 16.28 22.05 3.10
CA VAL B 57 16.98 20.88 3.63
C VAL B 57 18.33 20.77 2.88
N PRO B 58 19.43 20.68 3.62
CA PRO B 58 20.73 20.57 2.94
C PRO B 58 20.82 19.40 1.97
N GLY B 59 21.32 19.68 0.76
CA GLY B 59 21.46 18.63 -0.26
C GLY B 59 20.17 18.31 -1.00
N SER B 60 19.13 19.07 -0.70
CA SER B 60 17.83 18.80 -1.32
C SER B 60 17.75 18.90 -2.82
N VAL B 61 16.93 18.03 -3.42
CA VAL B 61 16.58 18.17 -4.83
C VAL B 61 15.05 18.10 -4.61
N VAL B 62 14.34 19.12 -5.08
CA VAL B 62 12.89 19.19 -4.86
C VAL B 62 12.09 18.66 -6.04
N VAL B 63 11.19 17.72 -5.76
CA VAL B 63 10.33 17.17 -6.78
C VAL B 63 8.92 17.66 -6.45
N VAL B 64 8.33 18.40 -7.38
CA VAL B 64 6.97 18.87 -7.18
C VAL B 64 6.10 18.09 -8.15
N SER B 65 5.16 17.30 -7.64
CA SER B 65 4.27 16.58 -8.53
C SER B 65 3.05 17.46 -8.76
N ILE B 66 2.55 17.45 -10.00
CA ILE B 66 1.36 18.22 -10.35
C ILE B 66 0.47 17.16 -10.97
N PHE B 67 -0.56 16.76 -10.25
CA PHE B 67 -1.44 15.72 -10.76
C PHE B 67 -2.83 15.85 -10.17
N VAL B 68 -3.80 16.14 -11.03
CA VAL B 68 -5.18 16.23 -10.55
C VAL B 68 -5.63 14.79 -10.48
N ASN B 69 -5.72 14.28 -9.25
CA ASN B 69 -6.08 12.90 -8.96
C ASN B 69 -7.59 12.68 -8.98
N PRO B 70 -8.09 12.02 -10.04
CA PRO B 70 -9.54 11.79 -10.15
C PRO B 70 -10.14 11.00 -9.01
N MET B 71 -9.33 10.15 -8.40
CA MET B 71 -9.81 9.30 -7.33
C MET B 71 -10.23 10.04 -6.07
N GLN B 72 -9.72 11.25 -5.86
CA GLN B 72 -10.10 11.96 -4.66
C GLN B 72 -11.25 12.92 -4.88
N PHE B 73 -11.83 12.90 -6.08
CA PHE B 73 -12.97 13.74 -6.38
C PHE B 73 -14.23 12.88 -6.25
N GLY B 74 -15.38 13.52 -6.06
CA GLY B 74 -16.62 12.79 -5.89
C GLY B 74 -17.06 12.08 -7.16
N ALA B 81 -13.32 20.77 -14.51
CA ALA B 81 -13.64 22.05 -13.89
C ALA B 81 -12.49 22.53 -13.00
N TYR B 82 -11.65 21.60 -12.56
CA TYR B 82 -10.52 21.94 -11.72
C TYR B 82 -9.58 22.88 -12.48
N PRO B 83 -9.14 23.96 -11.84
CA PRO B 83 -8.24 24.90 -12.52
C PRO B 83 -6.91 24.26 -12.95
N ARG B 84 -6.55 24.48 -14.21
CA ARG B 84 -5.31 23.95 -14.77
C ARG B 84 -4.51 25.06 -15.45
N THR B 85 -3.37 25.41 -14.83
CA THR B 85 -2.49 26.46 -15.34
C THR B 85 -1.05 25.93 -15.42
N PRO B 86 -0.79 25.00 -16.36
CA PRO B 86 0.53 24.41 -16.56
C PRO B 86 1.67 25.41 -16.65
N ASP B 87 1.65 26.22 -17.69
CA ASP B 87 2.69 27.22 -17.92
C ASP B 87 3.01 28.08 -16.70
N ASP B 88 1.97 28.67 -16.10
CA ASP B 88 2.20 29.51 -14.94
C ASP B 88 2.72 28.73 -13.74
N ASP B 89 2.22 27.50 -13.55
CA ASP B 89 2.70 26.71 -12.41
C ASP B 89 4.19 26.45 -12.60
N LEU B 90 4.57 26.03 -13.80
CA LEU B 90 5.96 25.73 -14.05
C LEU B 90 6.83 26.98 -13.90
N ALA B 91 6.32 28.15 -14.27
CA ALA B 91 7.10 29.37 -14.13
C ALA B 91 7.37 29.64 -12.66
N GLN B 92 6.36 29.44 -11.81
CA GLN B 92 6.55 29.67 -10.39
C GLN B 92 7.58 28.70 -9.84
N LEU B 93 7.53 27.45 -10.28
CA LEU B 93 8.51 26.48 -9.78
C LEU B 93 9.92 26.88 -10.24
N ARG B 94 10.04 27.37 -11.47
CA ARG B 94 11.34 27.78 -11.96
C ARG B 94 11.84 28.94 -11.10
N ALA B 95 10.94 29.86 -10.76
CA ALA B 95 11.28 31.03 -9.95
C ALA B 95 11.75 30.62 -8.54
N GLU B 96 11.25 29.49 -8.04
CA GLU B 96 11.64 29.00 -6.72
C GLU B 96 12.91 28.13 -6.74
N GLY B 97 13.44 27.85 -7.92
CA GLY B 97 14.64 27.02 -8.00
C GLY B 97 14.39 25.53 -7.89
N VAL B 98 13.16 25.11 -8.17
CA VAL B 98 12.79 23.71 -8.11
C VAL B 98 13.40 23.03 -9.33
N GLU B 99 14.04 21.89 -9.14
CA GLU B 99 14.66 21.21 -10.27
C GLU B 99 13.86 20.11 -10.93
N ILE B 100 12.82 19.59 -10.27
CA ILE B 100 12.03 18.54 -10.89
C ILE B 100 10.53 18.74 -10.71
N ALA B 101 9.80 18.66 -11.83
CA ALA B 101 8.35 18.72 -11.83
C ALA B 101 7.91 17.39 -12.44
N PHE B 102 6.97 16.70 -11.78
CA PHE B 102 6.47 15.42 -12.25
C PHE B 102 5.01 15.69 -12.62
N THR B 103 4.72 15.60 -13.92
CA THR B 103 3.39 15.90 -14.46
C THR B 103 2.80 14.75 -15.25
N PRO B 104 2.42 13.66 -14.55
CA PRO B 104 1.86 12.50 -15.22
C PRO B 104 0.41 12.66 -15.66
N THR B 105 0.01 11.82 -16.62
CA THR B 105 -1.37 11.83 -17.07
C THR B 105 -2.13 10.85 -16.19
N THR B 106 -3.46 10.95 -16.19
CA THR B 106 -4.28 10.01 -15.43
C THR B 106 -4.00 8.58 -15.90
N ALA B 107 -3.89 8.38 -17.22
CA ALA B 107 -3.62 7.06 -17.74
C ALA B 107 -2.26 6.49 -17.26
N ALA B 108 -1.25 7.35 -17.11
CA ALA B 108 0.07 6.90 -16.66
C ALA B 108 0.01 6.49 -15.17
N MET B 109 -0.80 7.19 -14.40
CA MET B 109 -0.93 6.86 -12.98
C MET B 109 -1.88 5.68 -12.74
N TYR B 110 -2.92 5.57 -13.56
CA TYR B 110 -3.89 4.50 -13.41
C TYR B 110 -4.04 3.69 -14.72
N PRO B 111 -2.93 3.08 -15.19
CA PRO B 111 -2.95 2.30 -16.44
C PRO B 111 -3.92 1.14 -16.45
N ASP B 112 -4.29 0.67 -15.26
CA ASP B 112 -5.23 -0.43 -15.16
C ASP B 112 -6.51 0.00 -14.46
N GLY B 113 -6.80 1.30 -14.43
CA GLY B 113 -7.99 1.79 -13.77
C GLY B 113 -7.85 1.66 -12.26
N LEU B 114 -8.96 1.66 -11.53
CA LEU B 114 -8.89 1.51 -10.08
C LEU B 114 -8.97 0.02 -9.82
N ARG B 115 -7.89 -0.55 -9.30
CA ARG B 115 -7.88 -1.96 -9.02
C ARG B 115 -7.45 -2.07 -7.56
N THR B 116 -6.15 -2.21 -7.29
CA THR B 116 -5.71 -2.28 -5.88
C THR B 116 -5.72 -0.83 -5.37
N THR B 117 -6.30 -0.61 -4.19
CA THR B 117 -6.33 0.73 -3.62
C THR B 117 -6.05 0.69 -2.12
N VAL B 118 -5.88 1.86 -1.53
CA VAL B 118 -5.62 1.91 -0.09
C VAL B 118 -6.95 2.15 0.63
N GLN B 119 -7.19 1.38 1.69
CA GLN B 119 -8.38 1.57 2.50
C GLN B 119 -7.93 2.23 3.83
N PRO B 120 -8.28 3.51 4.03
CA PRO B 120 -7.88 4.19 5.25
C PRO B 120 -8.56 3.60 6.47
N GLY B 121 -8.01 3.91 7.63
CA GLY B 121 -8.62 3.54 8.90
C GLY B 121 -9.88 4.38 9.08
N PRO B 122 -10.61 4.14 10.18
CA PRO B 122 -11.87 4.85 10.49
C PRO B 122 -11.87 6.37 10.54
N LEU B 123 -10.71 6.98 10.78
CA LEU B 123 -10.65 8.44 10.83
C LEU B 123 -11.11 9.02 9.51
N ALA B 124 -10.94 8.25 8.43
CA ALA B 124 -11.31 8.76 7.10
C ALA B 124 -12.81 8.95 6.92
N ALA B 125 -13.61 8.38 7.81
CA ALA B 125 -15.06 8.52 7.70
C ALA B 125 -15.59 9.69 8.51
N GLU B 126 -14.72 10.28 9.32
CA GLU B 126 -15.07 11.40 10.17
C GLU B 126 -14.76 12.75 9.55
N LEU B 127 -15.30 13.80 10.18
CA LEU B 127 -15.00 15.19 9.77
C LEU B 127 -15.16 15.41 8.27
N GLU B 128 -14.06 15.62 7.51
CA GLU B 128 -14.19 15.80 6.06
C GLU B 128 -14.77 14.57 5.36
N GLY B 129 -14.61 13.41 5.99
CA GLY B 129 -15.10 12.16 5.43
C GLY B 129 -16.61 12.00 5.49
N GLY B 130 -17.27 12.89 6.23
CA GLY B 130 -18.73 12.83 6.33
C GLY B 130 -19.34 13.08 4.96
N PRO B 131 -19.13 14.27 4.37
CA PRO B 131 -19.66 14.63 3.05
C PRO B 131 -18.96 13.89 1.92
N ARG B 132 -17.70 13.52 2.13
CA ARG B 132 -16.95 12.84 1.07
C ARG B 132 -16.30 11.58 1.61
N PRO B 133 -17.11 10.53 1.80
CA PRO B 133 -16.63 9.25 2.33
C PRO B 133 -15.57 8.46 1.57
N THR B 134 -15.30 8.81 0.31
CA THR B 134 -14.28 8.08 -0.44
C THR B 134 -13.09 8.99 -0.74
N HIS B 135 -13.14 10.22 -0.25
CA HIS B 135 -12.08 11.17 -0.55
C HIS B 135 -10.69 10.73 -0.08
N PHE B 136 -10.61 10.34 1.18
CA PHE B 136 -9.27 10.00 1.68
C PHE B 136 -8.68 8.71 1.14
N ALA B 137 -9.53 7.78 0.72
CA ALA B 137 -9.02 6.56 0.09
C ALA B 137 -8.31 7.03 -1.19
N GLY B 138 -8.89 8.02 -1.87
CA GLY B 138 -8.26 8.53 -3.08
C GLY B 138 -6.93 9.22 -2.81
N VAL B 139 -6.91 10.03 -1.76
CA VAL B 139 -5.70 10.74 -1.36
C VAL B 139 -4.59 9.74 -0.96
N LEU B 140 -4.91 8.80 -0.08
CA LEU B 140 -3.86 7.88 0.36
C LEU B 140 -3.35 6.98 -0.77
N THR B 141 -4.23 6.58 -1.67
CA THR B 141 -3.83 5.75 -2.79
C THR B 141 -2.85 6.51 -3.67
N VAL B 142 -3.17 7.76 -4.03
CA VAL B 142 -2.24 8.48 -4.92
C VAL B 142 -0.96 8.87 -4.19
N VAL B 143 -1.04 9.17 -2.89
CA VAL B 143 0.16 9.53 -2.15
C VAL B 143 1.07 8.30 -2.04
N LEU B 144 0.50 7.12 -1.79
CA LEU B 144 1.34 5.93 -1.70
C LEU B 144 2.07 5.72 -3.04
N LYS B 145 1.34 5.85 -4.14
CA LYS B 145 1.94 5.69 -5.47
C LYS B 145 3.06 6.70 -5.72
N LEU B 146 2.82 7.97 -5.36
CA LEU B 146 3.83 8.99 -5.57
C LEU B 146 5.05 8.68 -4.72
N LEU B 147 4.83 8.19 -3.50
CA LEU B 147 5.96 7.83 -2.64
C LEU B 147 6.77 6.69 -3.23
N GLN B 148 6.11 5.74 -3.87
CA GLN B 148 6.82 4.60 -4.43
C GLN B 148 7.55 4.96 -5.72
N ILE B 149 6.97 5.89 -6.48
CA ILE B 149 7.58 6.32 -7.72
C ILE B 149 8.83 7.18 -7.46
N VAL B 150 8.66 8.17 -6.58
CA VAL B 150 9.73 9.12 -6.29
C VAL B 150 10.70 8.68 -5.20
N ARG B 151 10.22 7.89 -4.24
CA ARG B 151 11.06 7.45 -3.13
C ARG B 151 11.82 8.61 -2.47
N PRO B 152 11.07 9.61 -2.01
CA PRO B 152 11.68 10.77 -1.36
C PRO B 152 12.12 10.46 0.07
N ASP B 153 13.04 11.25 0.59
CA ASP B 153 13.47 11.14 1.98
C ASP B 153 12.42 11.81 2.86
N ARG B 154 11.79 12.87 2.33
CA ARG B 154 10.75 13.60 3.07
C ARG B 154 9.65 14.01 2.12
N VAL B 155 8.43 14.05 2.63
CA VAL B 155 7.27 14.45 1.84
C VAL B 155 6.57 15.57 2.62
N PHE B 156 6.12 16.59 1.91
CA PHE B 156 5.56 17.79 2.52
C PHE B 156 4.08 18.04 2.26
N PHE B 157 3.34 18.32 3.33
CA PHE B 157 1.90 18.60 3.21
C PHE B 157 1.56 19.79 4.09
N GLY B 158 0.52 20.54 3.71
CA GLY B 158 0.16 21.69 4.52
C GLY B 158 -0.69 21.33 5.73
N GLU B 159 -0.47 22.03 6.83
CA GLU B 159 -1.27 21.78 8.03
C GLU B 159 -2.73 22.17 7.85
N LYS B 160 -3.00 23.02 6.86
CA LYS B 160 -4.38 23.45 6.59
C LYS B 160 -5.30 22.23 6.45
N ASP B 161 -4.84 21.20 5.76
CA ASP B 161 -5.64 19.97 5.61
C ASP B 161 -5.08 19.02 6.66
N TYR B 162 -5.38 19.35 7.91
CA TYR B 162 -4.84 18.58 9.03
C TYR B 162 -5.23 17.10 9.07
N GLN B 163 -6.50 16.81 8.81
CA GLN B 163 -6.97 15.44 8.79
C GLN B 163 -6.21 14.65 7.70
N GLN B 164 -6.02 15.27 6.54
CA GLN B 164 -5.25 14.64 5.48
C GLN B 164 -3.82 14.34 5.98
N LEU B 165 -3.20 15.32 6.64
CA LEU B 165 -1.85 15.16 7.16
C LEU B 165 -1.79 13.97 8.14
N VAL B 166 -2.76 13.91 9.05
CA VAL B 166 -2.82 12.82 10.06
C VAL B 166 -3.00 11.45 9.36
N LEU B 167 -3.87 11.39 8.35
CA LEU B 167 -4.10 10.13 7.65
C LEU B 167 -2.86 9.70 6.89
N ILE B 168 -2.09 10.66 6.37
CA ILE B 168 -0.84 10.29 5.69
C ILE B 168 0.16 9.78 6.73
N ARG B 169 0.16 10.37 7.93
CA ARG B 169 1.06 9.82 8.96
C ARG B 169 0.62 8.40 9.30
N GLN B 170 -0.69 8.12 9.31
CA GLN B 170 -1.15 6.76 9.58
C GLN B 170 -0.71 5.80 8.45
N LEU B 171 -0.84 6.26 7.20
CA LEU B 171 -0.40 5.47 6.05
C LEU B 171 1.07 5.07 6.19
N VAL B 172 1.92 6.05 6.48
CA VAL B 172 3.36 5.83 6.62
C VAL B 172 3.69 4.88 7.77
N ALA B 173 3.03 5.05 8.90
CA ALA B 173 3.30 4.16 10.02
C ALA B 173 2.78 2.74 9.75
N ASP B 174 1.53 2.65 9.28
CA ASP B 174 0.87 1.37 9.06
C ASP B 174 1.49 0.50 7.98
N PHE B 175 2.04 1.13 6.94
CA PHE B 175 2.65 0.38 5.87
C PHE B 175 4.19 0.35 5.96
N ASN B 176 4.74 0.84 7.07
CA ASN B 176 6.18 0.79 7.33
C ASN B 176 6.98 1.53 6.25
N LEU B 177 6.43 2.65 5.80
CA LEU B 177 7.09 3.43 4.77
C LEU B 177 8.30 4.16 5.33
N ASP B 178 9.38 4.17 4.54
CA ASP B 178 10.60 4.83 4.99
C ASP B 178 10.69 6.24 4.42
N VAL B 179 9.87 7.11 4.97
CA VAL B 179 9.83 8.51 4.54
C VAL B 179 9.40 9.33 5.74
N ALA B 180 9.92 10.55 5.85
CA ALA B 180 9.54 11.46 6.93
C ALA B 180 8.41 12.34 6.40
N VAL B 181 7.33 12.45 7.17
CA VAL B 181 6.20 13.28 6.75
C VAL B 181 6.36 14.62 7.43
N VAL B 182 6.38 15.69 6.64
CA VAL B 182 6.56 17.03 7.19
C VAL B 182 5.33 17.89 7.01
N GLY B 183 4.76 18.35 8.12
CA GLY B 183 3.61 19.24 8.06
C GLY B 183 4.15 20.66 8.05
N VAL B 184 3.62 21.49 7.16
CA VAL B 184 4.07 22.87 6.99
C VAL B 184 2.93 23.78 7.44
N PRO B 185 3.23 24.77 8.28
CA PRO B 185 2.23 25.72 8.79
C PRO B 185 1.40 26.39 7.68
N THR B 186 0.13 26.59 8.00
CA THR B 186 -0.79 27.21 7.04
C THR B 186 -0.41 28.66 6.73
N VAL B 187 -0.36 28.97 5.43
CA VAL B 187 -0.06 30.31 4.99
C VAL B 187 -1.42 31.01 4.96
N ARG B 188 -1.44 32.24 5.48
CA ARG B 188 -2.68 32.99 5.61
C ARG B 188 -2.64 34.35 4.95
N GLU B 189 -3.82 34.82 4.55
CA GLU B 189 -3.98 36.16 4.00
C GLU B 189 -3.76 37.10 5.18
N ALA B 190 -3.62 38.41 4.91
CA ALA B 190 -3.36 39.38 5.97
C ALA B 190 -4.34 39.38 7.14
N ASP B 191 -5.59 39.01 6.87
CA ASP B 191 -6.59 39.02 7.94
C ASP B 191 -6.76 37.67 8.63
N GLY B 192 -5.94 36.70 8.24
CA GLY B 192 -6.00 35.37 8.85
C GLY B 192 -6.60 34.26 8.01
N LEU B 193 -7.34 34.61 6.97
CA LEU B 193 -7.96 33.55 6.16
C LEU B 193 -6.93 32.62 5.57
N ALA B 194 -7.16 31.32 5.75
CA ALA B 194 -6.22 30.32 5.21
C ALA B 194 -6.20 30.43 3.69
N MET B 195 -5.03 30.54 3.09
CA MET B 195 -4.99 30.63 1.62
C MET B 195 -5.51 29.36 0.97
N SER B 196 -6.31 29.51 -0.11
CA SER B 196 -6.88 28.36 -0.75
C SER B 196 -7.33 28.83 -2.13
N SER B 197 -7.16 27.98 -3.14
CA SER B 197 -7.56 28.35 -4.48
C SER B 197 -9.06 28.65 -4.50
N ARG B 198 -9.82 27.89 -3.72
CA ARG B 198 -11.27 28.09 -3.69
C ARG B 198 -11.73 29.45 -3.12
N ASN B 199 -10.84 30.20 -2.46
CA ASN B 199 -11.22 31.49 -1.90
C ASN B 199 -11.68 32.49 -2.99
N ARG B 200 -11.20 32.28 -4.21
CA ARG B 200 -11.55 33.18 -5.31
C ARG B 200 -13.05 33.19 -5.60
N TYR B 201 -13.76 32.17 -5.14
CA TYR B 201 -15.19 32.08 -5.40
C TYR B 201 -16.04 32.93 -4.44
N LEU B 202 -15.45 33.36 -3.33
CA LEU B 202 -16.20 34.14 -2.36
C LEU B 202 -16.51 35.57 -2.81
N ASP B 203 -17.79 35.97 -2.73
CA ASP B 203 -18.10 37.34 -3.08
C ASP B 203 -17.65 38.21 -1.90
N PRO B 204 -17.75 39.54 -2.03
CA PRO B 204 -17.30 40.40 -0.93
C PRO B 204 -17.88 40.14 0.47
N ALA B 205 -19.19 39.89 0.55
CA ALA B 205 -19.82 39.65 1.83
C ALA B 205 -19.33 38.32 2.40
N GLN B 206 -19.19 37.33 1.55
CA GLN B 206 -18.72 36.02 2.01
C GLN B 206 -17.26 36.11 2.40
N ARG B 207 -16.47 36.85 1.61
CA ARG B 207 -15.06 36.96 1.94
C ARG B 207 -14.83 37.63 3.29
N ALA B 208 -15.66 38.64 3.60
CA ALA B 208 -15.52 39.30 4.89
C ALA B 208 -15.97 38.37 6.02
N ALA B 209 -17.05 37.63 5.80
CA ALA B 209 -17.56 36.72 6.82
C ALA B 209 -16.58 35.57 7.03
N ALA B 210 -15.84 35.20 5.98
CA ALA B 210 -14.91 34.07 6.07
C ALA B 210 -13.79 34.21 7.10
N VAL B 211 -13.51 35.46 7.48
CA VAL B 211 -12.47 35.73 8.48
C VAL B 211 -12.87 35.06 9.79
N ALA B 212 -14.18 34.80 9.96
CA ALA B 212 -14.64 34.18 11.21
C ALA B 212 -14.00 32.82 11.52
N LEU B 213 -13.64 32.04 10.51
CA LEU B 213 -13.03 30.75 10.82
C LEU B 213 -11.72 30.91 11.54
N SER B 214 -10.81 31.69 10.96
CA SER B 214 -9.52 31.87 11.62
C SER B 214 -9.62 32.64 12.91
N ALA B 215 -10.52 33.61 12.95
CA ALA B 215 -10.68 34.43 14.16
C ALA B 215 -11.23 33.55 15.27
N ALA B 216 -12.11 32.62 14.91
CA ALA B 216 -12.70 31.75 15.91
C ALA B 216 -11.63 30.82 16.48
N LEU B 217 -10.76 30.33 15.60
CA LEU B 217 -9.71 29.41 16.04
C LEU B 217 -8.67 30.08 16.91
N THR B 218 -8.21 31.26 16.51
CA THR B 218 -7.22 31.93 17.34
C THR B 218 -7.84 32.40 18.66
N ALA B 219 -9.12 32.78 18.64
CA ALA B 219 -9.77 33.18 19.88
C ALA B 219 -9.77 31.97 20.82
N ALA B 220 -10.14 30.81 20.27
CA ALA B 220 -10.17 29.58 21.08
C ALA B 220 -8.79 29.24 21.64
N ALA B 221 -7.75 29.38 20.82
CA ALA B 221 -6.40 29.04 21.28
C ALA B 221 -5.99 29.87 22.49
N HIS B 222 -6.41 31.12 22.53
CA HIS B 222 -6.08 31.97 23.66
C HIS B 222 -7.08 31.80 24.81
N ALA B 223 -8.34 31.46 24.51
CA ALA B 223 -9.30 31.20 25.58
C ALA B 223 -8.96 29.92 26.33
N ALA B 224 -8.15 29.05 25.69
CA ALA B 224 -7.81 27.72 26.24
C ALA B 224 -7.20 27.66 27.62
N THR B 225 -6.61 28.76 28.08
CA THR B 225 -6.08 28.78 29.45
C THR B 225 -7.20 28.53 30.44
N ALA B 226 -8.44 28.81 30.02
CA ALA B 226 -9.62 28.63 30.86
C ALA B 226 -10.30 27.27 30.69
N GLY B 227 -9.72 26.40 29.87
CA GLY B 227 -10.29 25.07 29.69
C GLY B 227 -10.84 24.78 28.31
N ALA B 228 -11.12 23.51 28.04
CA ALA B 228 -11.63 23.10 26.72
C ALA B 228 -12.98 23.70 26.39
N GLN B 229 -13.88 23.73 27.38
CA GLN B 229 -15.21 24.25 27.11
C GLN B 229 -15.13 25.74 26.77
N ALA B 230 -14.28 26.47 27.48
CA ALA B 230 -14.11 27.91 27.23
C ALA B 230 -13.61 28.12 25.81
N ALA B 231 -12.66 27.28 25.38
CA ALA B 231 -12.10 27.40 24.04
C ALA B 231 -13.18 27.15 23.00
N LEU B 232 -13.93 26.06 23.19
CA LEU B 232 -14.99 25.76 22.24
C LEU B 232 -16.06 26.83 22.21
N ASP B 233 -16.45 27.32 23.39
CA ASP B 233 -17.51 28.33 23.42
C ASP B 233 -17.07 29.63 22.78
N ALA B 234 -15.80 30.00 22.95
CA ALA B 234 -15.28 31.24 22.35
C ALA B 234 -15.31 31.09 20.82
N ALA B 235 -14.88 29.93 20.31
CA ALA B 235 -14.86 29.75 18.86
C ALA B 235 -16.29 29.79 18.32
N ARG B 236 -17.20 29.13 19.01
CA ARG B 236 -18.58 29.14 18.54
C ARG B 236 -19.15 30.56 18.53
N ALA B 237 -18.82 31.36 19.53
CA ALA B 237 -19.34 32.74 19.59
C ALA B 237 -18.85 33.53 18.38
N VAL B 238 -17.58 33.37 18.02
CA VAL B 238 -17.06 34.10 16.86
C VAL B 238 -17.79 33.65 15.60
N LEU B 239 -17.96 32.36 15.41
CA LEU B 239 -18.66 31.87 14.23
C LEU B 239 -20.11 32.35 14.27
N ASP B 240 -20.70 32.44 15.46
CA ASP B 240 -22.11 32.91 15.60
C ASP B 240 -22.25 34.40 15.30
N ALA B 241 -21.15 35.13 15.27
CA ALA B 241 -21.19 36.56 14.97
C ALA B 241 -21.11 36.84 13.46
N ALA B 242 -20.98 35.79 12.66
CA ALA B 242 -20.86 35.95 11.20
C ALA B 242 -22.12 35.54 10.46
N PRO B 243 -22.51 36.32 9.44
CA PRO B 243 -23.70 35.97 8.67
C PRO B 243 -23.29 35.02 7.53
N GLY B 244 -24.22 34.16 7.14
CA GLY B 244 -24.01 33.24 6.02
C GLY B 244 -22.88 32.24 6.11
N VAL B 245 -22.56 31.82 7.34
CA VAL B 245 -21.50 30.85 7.62
C VAL B 245 -22.16 29.62 8.24
N ALA B 246 -22.37 28.59 7.42
CA ALA B 246 -23.03 27.37 7.87
C ALA B 246 -22.00 26.40 8.38
N VAL B 247 -21.86 26.33 9.69
CA VAL B 247 -20.85 25.46 10.26
C VAL B 247 -21.20 23.98 10.13
N ASP B 248 -20.29 23.23 9.53
CA ASP B 248 -20.52 21.79 9.39
C ASP B 248 -20.01 21.08 10.63
N TYR B 249 -18.87 21.51 11.16
CA TYR B 249 -18.35 20.96 12.41
C TYR B 249 -17.35 21.91 13.03
N LEU B 250 -17.21 21.79 14.35
CA LEU B 250 -16.24 22.58 15.14
C LEU B 250 -15.91 21.54 16.21
N GLU B 251 -14.73 20.93 16.10
CA GLU B 251 -14.33 19.84 16.99
C GLU B 251 -12.95 19.98 17.55
N LEU B 252 -12.82 19.71 18.85
CA LEU B 252 -11.52 19.73 19.54
C LEU B 252 -11.12 18.26 19.71
N ARG B 253 -9.94 17.88 19.21
CA ARG B 253 -9.45 16.49 19.28
C ARG B 253 -8.00 16.46 19.72
N ASP B 254 -7.46 15.27 19.99
CA ASP B 254 -6.04 15.25 20.34
C ASP B 254 -5.28 15.45 19.03
N ILE B 255 -3.96 15.53 19.10
CA ILE B 255 -3.19 15.82 17.89
C ILE B 255 -3.23 14.73 16.82
N GLY B 256 -3.62 13.50 17.21
CA GLY B 256 -3.73 12.42 16.24
C GLY B 256 -5.18 12.25 15.81
N LEU B 257 -6.02 13.20 16.22
CA LEU B 257 -7.47 13.29 15.93
C LEU B 257 -8.36 12.30 16.66
N GLY B 258 -7.80 11.76 17.73
CA GLY B 258 -8.59 10.89 18.59
C GLY B 258 -9.30 11.83 19.57
N PRO B 259 -9.93 11.29 20.63
CA PRO B 259 -10.62 12.12 21.61
C PRO B 259 -9.65 13.06 22.34
N MET B 260 -10.09 14.29 22.57
CA MET B 260 -9.25 15.27 23.25
C MET B 260 -8.99 14.88 24.70
N PRO B 261 -7.72 15.00 25.16
CA PRO B 261 -7.27 14.67 26.52
C PRO B 261 -7.86 15.66 27.52
N LEU B 262 -7.84 15.27 28.79
CA LEU B 262 -8.35 16.14 29.86
C LEU B 262 -7.67 17.51 29.78
N ASN B 263 -6.36 17.47 29.51
CA ASN B 263 -5.55 18.68 29.36
C ASN B 263 -4.45 18.27 28.40
N GLY B 264 -3.57 19.19 28.04
CA GLY B 264 -2.50 18.84 27.13
C GLY B 264 -2.74 19.41 25.75
N SER B 265 -1.99 18.91 24.77
CA SER B 265 -2.09 19.41 23.40
C SER B 265 -3.23 18.81 22.63
N GLY B 266 -3.82 19.62 21.75
CA GLY B 266 -4.90 19.15 20.94
C GLY B 266 -4.95 19.96 19.67
N ARG B 267 -6.01 19.73 18.90
CA ARG B 267 -6.19 20.46 17.64
C ARG B 267 -7.67 20.80 17.53
N LEU B 268 -7.97 22.04 17.16
CA LEU B 268 -9.34 22.45 16.99
C LEU B 268 -9.55 22.62 15.48
N LEU B 269 -10.57 21.95 14.96
CA LEU B 269 -10.86 21.97 13.53
C LEU B 269 -12.25 22.49 13.24
N VAL B 270 -12.36 23.25 12.17
CA VAL B 270 -13.64 23.81 11.76
C VAL B 270 -13.82 23.69 10.25
N ALA B 271 -15.08 23.54 9.81
CA ALA B 271 -15.40 23.53 8.39
C ALA B 271 -16.77 24.20 8.30
N ALA B 272 -16.94 25.03 7.28
CA ALA B 272 -18.19 25.73 7.09
C ALA B 272 -18.44 26.02 5.63
N ARG B 273 -19.71 26.16 5.30
CA ARG B 273 -20.10 26.47 3.93
C ARG B 273 -20.55 27.91 3.83
N LEU B 274 -19.98 28.64 2.88
CA LEU B 274 -20.37 30.03 2.64
C LEU B 274 -20.88 30.00 1.20
N GLY B 275 -22.21 30.03 1.05
CA GLY B 275 -22.78 29.95 -0.28
C GLY B 275 -22.48 28.54 -0.74
N THR B 276 -21.80 28.40 -1.88
CA THR B 276 -21.47 27.08 -2.39
C THR B 276 -20.01 26.70 -2.13
N THR B 277 -19.30 27.52 -1.39
CA THR B 277 -17.89 27.28 -1.12
C THR B 277 -17.68 26.74 0.30
N ARG B 278 -17.02 25.58 0.39
CA ARG B 278 -16.74 24.95 1.67
C ARG B 278 -15.33 25.34 2.09
N LEU B 279 -15.20 25.89 3.29
CA LEU B 279 -13.88 26.31 3.76
C LEU B 279 -13.51 25.52 4.99
N LEU B 280 -12.21 25.30 5.18
CA LEU B 280 -11.81 24.60 6.40
C LEU B 280 -10.58 25.25 7.02
N ASP B 281 -10.37 25.00 8.30
CA ASP B 281 -9.22 25.59 8.98
C ASP B 281 -9.04 24.83 10.27
N ASN B 282 -7.89 25.01 10.89
CA ASN B 282 -7.65 24.30 12.14
C ASN B 282 -6.47 24.97 12.85
N ILE B 283 -6.32 24.68 14.15
CA ILE B 283 -5.24 25.29 14.91
C ILE B 283 -4.79 24.43 16.09
N ALA B 284 -3.51 24.57 16.46
CA ALA B 284 -2.99 23.89 17.64
C ALA B 284 -3.65 24.51 18.87
N ILE B 285 -3.97 23.69 19.88
CA ILE B 285 -4.60 24.16 21.10
C ILE B 285 -3.86 23.50 22.27
N GLU B 286 -3.54 24.28 23.30
CA GLU B 286 -2.91 23.70 24.48
C GLU B 286 -3.95 23.96 25.57
N ILE B 287 -4.47 22.91 26.17
CA ILE B 287 -5.50 23.09 27.19
C ILE B 287 -4.93 23.40 28.56
N GLY B 288 -5.31 24.56 29.08
CA GLY B 288 -4.83 25.01 30.38
C GLY B 288 -3.72 26.03 30.21
S SO4 C . 19.55 -13.54 -13.11
O1 SO4 C . 20.86 -14.24 -13.01
O2 SO4 C . 19.06 -13.63 -14.51
O3 SO4 C . 18.59 -14.19 -12.20
O4 SO4 C . 19.70 -12.12 -12.74
PG APC D . -0.91 -24.30 3.59
O1G APC D . -1.68 -23.23 2.77
O2G APC D . -1.37 -24.29 5.10
O3G APC D . -1.16 -25.72 3.02
PB APC D . 1.76 -23.73 2.35
O1B APC D . 2.39 -25.09 2.03
O2B APC D . 1.11 -23.19 1.08
O3B APC D . 0.68 -23.93 3.55
PA APC D . 2.65 -21.22 2.94
O1A APC D . 3.62 -20.68 3.99
O2A APC D . 1.19 -20.98 3.12
C3A APC D . 2.90 -22.77 2.82
O5' APC D . 3.13 -20.45 1.59
C5' APC D . 4.39 -19.74 1.46
C4' APC D . 4.90 -19.70 0.02
O4' APC D . 5.37 -21.00 -0.43
C3' APC D . 3.84 -19.26 -0.98
O3' APC D . 4.43 -18.32 -1.91
C2' APC D . 3.43 -20.53 -1.62
O2' APC D . 2.77 -20.40 -2.89
C1' APC D . 4.74 -21.30 -1.68
N9 APC D . 4.46 -22.72 -1.84
C8 APC D . 3.71 -23.57 -1.08
N7 APC D . 3.63 -24.82 -1.47
C5 APC D . 4.43 -24.79 -2.61
C6 APC D . 4.80 -25.78 -3.55
N6 APC D . 4.39 -27.04 -3.48
N1 APC D . 5.64 -25.40 -4.60
C2 APC D . 6.10 -24.12 -4.73
N3 APC D . 5.79 -23.09 -3.88
C4 APC D . 4.95 -23.50 -2.85
O1 PAF E . 1.61 -17.47 0.75
C1 PAF E . 1.57 -17.41 2.05
O2 PAF E . 1.87 -18.37 2.78
C2 PAF E . 1.11 -16.08 2.70
O3 PAF E . -0.17 -15.71 2.14
C3 PAF E . 2.14 -14.90 2.49
C4 PAF E . 3.51 -15.28 3.08
C5 PAF E . 2.27 -14.54 1.01
C6 PAF E . 1.55 -13.71 3.25
O4 PAF E . 1.40 -14.05 4.63
C1 GOL F . -2.33 -2.29 9.81
O1 GOL F . -3.25 -1.18 9.69
C2 GOL F . -1.00 -1.70 10.34
O2 GOL F . -0.07 -2.77 10.37
C3 GOL F . -1.13 -1.00 11.75
O3 GOL F . -1.22 -1.98 12.84
C1 EOH G . 14.17 -26.76 -6.54
C2 EOH G . 15.59 -26.39 -6.69
O EOH G . 13.88 -27.47 -5.34
S SO4 H . 16.89 19.65 8.73
O1 SO4 H . 17.79 20.58 8.01
O2 SO4 H . 15.58 19.63 8.06
O3 SO4 H . 17.46 18.29 8.74
O4 SO4 H . 16.69 20.12 10.12
MG MG I . -7.20 21.81 -0.96
PG APC J . -8.50 24.01 -2.97
O1G APC J . -8.69 22.88 -1.92
O2G APC J . -9.13 23.64 -4.34
O3G APC J . -9.09 25.38 -2.45
PB APC J . -5.68 24.16 -2.20
O1B APC J . -5.31 25.58 -2.00
O2B APC J . -5.97 23.49 -0.87
O3B APC J . -6.93 24.18 -3.20
PA APC J . -4.70 21.70 -3.02
O1A APC J . -4.31 21.20 -4.33
O2A APC J . -6.00 21.23 -2.58
C3A APC J . -4.55 23.30 -2.95
O5' APC J . -3.52 21.02 -1.97
C5' APC J . -2.11 20.89 -2.28
C4' APC J . -1.13 20.95 -1.06
O4' APC J . -0.95 22.34 -0.70
C3' APC J . -1.65 20.27 0.24
O3' APC J . -0.54 19.70 0.99
C2' APC J . -2.24 21.40 0.99
O2' APC J . -2.46 21.10 2.39
C1' APC J . -1.21 22.49 0.71
N9 APC J . -1.79 23.80 1.03
C8 APC J . -2.91 24.40 0.53
N7 APC J . -3.22 25.57 1.00
C5 APC J . -2.21 25.79 1.91
C6 APC J . -1.91 26.88 2.79
N6 APC J . -2.68 27.98 2.88
N1 APC J . -0.81 26.77 3.58
C2 APC J . 0.00 25.66 3.53
N3 APC J . -0.18 24.59 2.73
C4 APC J . -1.32 24.71 1.94
C1 GOL K . -2.64 14.29 -2.97
O1 GOL K . -3.40 14.52 -4.20
C2 GOL K . -3.04 15.35 -1.87
O2 GOL K . -4.49 15.39 -1.67
C3 GOL K . -2.52 16.77 -2.24
O3 GOL K . -3.15 17.69 -1.32
C1 EOH L . 26.03 10.65 0.61
C2 EOH L . 26.44 11.76 -0.26
O EOH L . 24.62 10.46 0.68
C1 EOH M . 10.27 0.26 10.07
C2 EOH M . 8.99 -0.24 10.59
O EOH M . 11.08 -0.74 9.47
C1 EOH N . -7.60 8.14 -18.81
C2 EOH N . -7.17 8.08 -20.21
O EOH N . -7.47 6.89 -18.12
#